data_4DAT
#
_entry.id   4DAT
#
_cell.length_a   82.220
_cell.length_b   112.360
_cell.length_c   62.730
_cell.angle_alpha   90.00
_cell.angle_beta   90.00
_cell.angle_gamma   90.00
#
_symmetry.space_group_name_H-M   'C 2 2 21'
#
loop_
_entity.id
_entity.type
_entity.pdbx_description
1 polymer '14-3-3 protein sigma'
2 polymer 'Peptidylarginine Deiminase type VI'
3 non-polymer 'MAGNESIUM ION'
4 water water
#
loop_
_entity_poly.entity_id
_entity_poly.type
_entity_poly.pdbx_seq_one_letter_code
_entity_poly.pdbx_strand_id
1 'polypeptide(L)'
;MGSMERASLIQKAKLAEQAERYEDMAAFMKGAVEKGEELSCEERNLLSVAYKNVVGGQRAAWRVLSSIEQKSNEEGSEEK
GPEVREYREKVETELQGVCDTVLGLLDSHLIKEAGDAESRVFYLKMKGDYYRYLAEVATGDDKKRIIDSARSAYQEAMDI
SKKEMPPTNPIRLGLALNFSVFHYEIANSPEEAISLAKTTFDEAMADLHTLSEDSYKDSTLIMQLLRDNLTLWT
;
A
2 'polypeptide(L)' SSFYP(SEP)AEG B
#
loop_
_chem_comp.id
_chem_comp.type
_chem_comp.name
_chem_comp.formula
MG non-polymer 'MAGNESIUM ION' 'Mg 2'
#
# COMPACT_ATOMS: atom_id res chain seq x y z
N MET A 1 -1.57 -8.35 -22.57
CA MET A 1 -1.12 -9.65 -21.97
C MET A 1 -2.09 -10.82 -22.10
N GLY A 2 -3.18 -10.61 -22.81
CA GLY A 2 -4.13 -11.66 -22.94
C GLY A 2 -3.66 -12.94 -23.62
N SER A 3 -2.70 -12.85 -24.51
N SER A 3 -2.64 -12.85 -24.46
CA SER A 3 -2.18 -14.03 -25.16
CA SER A 3 -2.09 -14.04 -25.12
C SER A 3 -1.08 -14.74 -24.43
C SER A 3 -1.04 -14.76 -24.40
N MET A 4 -0.59 -14.21 -23.29
CA MET A 4 0.49 -14.82 -22.58
C MET A 4 -0.02 -15.74 -21.46
N GLU A 5 0.58 -16.91 -21.29
CA GLU A 5 0.17 -17.79 -20.19
C GLU A 5 0.31 -17.11 -18.83
N ARG A 6 -0.58 -17.45 -17.92
CA ARG A 6 -0.44 -16.95 -16.52
C ARG A 6 0.95 -17.25 -15.94
N ALA A 7 1.44 -18.47 -16.07
CA ALA A 7 2.68 -18.81 -15.44
C ALA A 7 3.83 -18.01 -16.07
N SER A 8 3.74 -17.75 -17.38
CA SER A 8 4.78 -16.95 -18.05
C SER A 8 4.74 -15.49 -17.59
N LEU A 9 3.55 -14.97 -17.33
CA LEU A 9 3.45 -13.60 -16.77
C LEU A 9 4.10 -13.51 -15.41
N ILE A 10 3.81 -14.51 -14.59
N ILE A 10 3.86 -14.51 -14.56
CA ILE A 10 4.39 -14.51 -13.26
CA ILE A 10 4.46 -14.50 -13.21
C ILE A 10 5.94 -14.65 -13.30
C ILE A 10 5.98 -14.66 -13.26
N GLN A 11 6.41 -15.54 -14.19
CA GLN A 11 7.87 -15.71 -14.38
C GLN A 11 8.52 -14.40 -14.84
N LYS A 12 7.88 -13.72 -15.78
CA LYS A 12 8.44 -12.47 -16.30
C LYS A 12 8.29 -11.37 -15.31
N ALA A 13 7.24 -11.34 -14.46
CA ALA A 13 7.26 -10.37 -13.35
C ALA A 13 8.47 -10.51 -12.46
N LYS A 14 8.88 -11.76 -12.19
CA LYS A 14 9.99 -11.97 -11.33
C LYS A 14 11.26 -11.53 -12.03
N LEU A 15 11.39 -11.78 -13.31
CA LEU A 15 12.57 -11.30 -14.07
C LEU A 15 12.61 -9.72 -14.06
N ALA A 16 11.46 -9.10 -14.26
CA ALA A 16 11.38 -7.65 -14.26
C ALA A 16 11.77 -7.10 -12.92
N GLU A 17 11.36 -7.71 -11.79
CA GLU A 17 11.83 -7.29 -10.49
C GLU A 17 13.37 -7.33 -10.40
N GLN A 18 13.98 -8.43 -10.85
CA GLN A 18 15.45 -8.54 -10.82
C GLN A 18 16.12 -7.47 -11.61
N ALA A 19 15.52 -7.06 -12.73
CA ALA A 19 16.01 -6.08 -13.68
C ALA A 19 15.62 -4.68 -13.26
N GLU A 20 14.88 -4.50 -12.15
CA GLU A 20 14.38 -3.19 -11.71
C GLU A 20 13.55 -2.49 -12.81
N ARG A 21 12.76 -3.31 -13.50
CA ARG A 21 11.86 -2.83 -14.54
C ARG A 21 10.44 -2.85 -14.01
N TYR A 22 10.13 -1.92 -13.15
CA TYR A 22 8.89 -2.04 -12.38
C TYR A 22 7.64 -1.77 -13.18
N GLU A 23 7.67 -0.93 -14.23
N GLU A 23 7.71 -0.90 -14.18
CA GLU A 23 6.50 -0.71 -15.09
CA GLU A 23 6.55 -0.70 -15.05
C GLU A 23 6.22 -2.00 -15.82
C GLU A 23 6.25 -2.00 -15.76
N ASP A 24 7.25 -2.69 -16.32
CA ASP A 24 7.01 -3.98 -16.94
C ASP A 24 6.48 -4.96 -15.89
N MET A 25 7.02 -4.99 -14.72
CA MET A 25 6.57 -5.90 -13.65
C MET A 25 5.10 -5.66 -13.38
N ALA A 26 4.65 -4.40 -13.29
CA ALA A 26 3.24 -4.16 -13.00
C ALA A 26 2.39 -4.55 -14.18
N ALA A 27 2.84 -4.34 -15.44
CA ALA A 27 2.03 -4.77 -16.56
C ALA A 27 1.88 -6.32 -16.60
N PHE A 28 2.95 -7.05 -16.27
CA PHE A 28 2.86 -8.51 -16.20
C PHE A 28 1.92 -8.93 -15.08
N MET A 29 1.97 -8.30 -13.92
CA MET A 29 1.09 -8.70 -12.85
C MET A 29 -0.36 -8.32 -13.10
N LYS A 30 -0.62 -7.20 -13.76
CA LYS A 30 -1.96 -6.87 -14.20
C LYS A 30 -2.48 -7.94 -15.11
N GLY A 31 -1.68 -8.35 -16.09
CA GLY A 31 -2.13 -9.42 -16.95
C GLY A 31 -2.38 -10.68 -16.15
N ALA A 32 -1.56 -11.04 -15.19
CA ALA A 32 -1.87 -12.25 -14.40
C ALA A 32 -3.15 -12.08 -13.63
N VAL A 33 -3.40 -10.95 -13.00
CA VAL A 33 -4.69 -10.79 -12.27
C VAL A 33 -5.85 -10.98 -13.25
N GLU A 34 -5.74 -10.40 -14.44
CA GLU A 34 -6.85 -10.44 -15.38
C GLU A 34 -7.09 -11.85 -15.96
N LYS A 35 -6.26 -12.85 -15.66
CA LYS A 35 -6.63 -14.21 -15.96
C LYS A 35 -7.80 -14.68 -15.18
N GLY A 36 -8.10 -14.03 -14.06
CA GLY A 36 -9.31 -14.31 -13.32
C GLY A 36 -9.15 -15.28 -12.18
N GLU A 37 -8.00 -15.91 -12.00
CA GLU A 37 -7.80 -16.79 -10.90
C GLU A 37 -7.36 -15.99 -9.68
N GLU A 38 -7.64 -16.48 -8.50
CA GLU A 38 -7.09 -15.86 -7.28
C GLU A 38 -5.52 -15.90 -7.28
N LEU A 39 -4.91 -14.98 -6.53
CA LEU A 39 -3.44 -14.92 -6.42
C LEU A 39 -2.95 -15.63 -5.19
N SER A 40 -1.82 -16.31 -5.26
CA SER A 40 -1.18 -16.85 -4.09
C SER A 40 -0.51 -15.79 -3.24
N CYS A 41 0.01 -16.13 -2.08
CA CYS A 41 0.69 -15.14 -1.31
C CYS A 41 1.86 -14.52 -2.06
N GLU A 42 2.69 -15.34 -2.68
CA GLU A 42 3.89 -14.78 -3.37
C GLU A 42 3.39 -13.93 -4.55
N GLU A 43 2.32 -14.30 -5.23
CA GLU A 43 1.82 -13.48 -6.39
C GLU A 43 1.24 -12.15 -5.88
N ARG A 44 0.54 -12.13 -4.74
CA ARG A 44 0.04 -10.87 -4.21
C ARG A 44 1.23 -9.96 -3.87
N ASN A 45 2.31 -10.49 -3.34
CA ASN A 45 3.48 -9.65 -3.08
C ASN A 45 4.08 -9.12 -4.36
N LEU A 46 4.14 -9.93 -5.43
CA LEU A 46 4.62 -9.37 -6.67
C LEU A 46 3.79 -8.26 -7.18
N LEU A 47 2.46 -8.39 -7.12
CA LEU A 47 1.57 -7.30 -7.54
C LEU A 47 1.88 -6.05 -6.70
N SER A 48 1.99 -6.18 -5.38
CA SER A 48 2.20 -5.02 -4.58
C SER A 48 3.57 -4.41 -4.77
N VAL A 49 4.62 -5.17 -4.89
CA VAL A 49 5.93 -4.56 -5.14
C VAL A 49 5.90 -3.81 -6.48
N ALA A 50 5.30 -4.37 -7.53
CA ALA A 50 5.41 -3.73 -8.79
C ALA A 50 4.73 -2.35 -8.73
N TYR A 51 3.45 -2.28 -8.32
CA TYR A 51 2.76 -1.02 -8.25
C TYR A 51 3.40 -0.08 -7.21
N LYS A 52 3.90 -0.59 -6.08
CA LYS A 52 4.49 0.32 -5.12
C LYS A 52 5.63 1.08 -5.74
N ASN A 53 6.45 0.41 -6.52
CA ASN A 53 7.58 1.06 -7.16
C ASN A 53 7.17 2.02 -8.26
N VAL A 54 6.16 1.65 -9.04
CA VAL A 54 5.66 2.57 -10.10
C VAL A 54 5.13 3.81 -9.42
N VAL A 55 4.18 3.65 -8.50
N VAL A 55 4.17 3.66 -8.50
CA VAL A 55 3.59 4.81 -7.89
CA VAL A 55 3.58 4.84 -7.91
C VAL A 55 4.53 5.56 -7.03
C VAL A 55 4.53 5.57 -7.04
N GLY A 56 5.54 4.87 -6.47
CA GLY A 56 6.54 5.54 -5.63
C GLY A 56 7.37 6.52 -6.46
N GLY A 57 7.73 6.17 -7.68
CA GLY A 57 8.46 7.12 -8.53
C GLY A 57 7.52 8.28 -8.89
N GLN A 58 6.25 8.05 -9.15
CA GLN A 58 5.37 9.12 -9.50
C GLN A 58 5.12 10.06 -8.33
N ARG A 59 4.99 9.52 -7.11
CA ARG A 59 4.84 10.36 -5.91
C ARG A 59 6.06 11.21 -5.71
N ALA A 60 7.24 10.65 -5.84
CA ALA A 60 8.45 11.45 -5.66
C ALA A 60 8.50 12.59 -6.65
N ALA A 61 8.18 12.29 -7.89
CA ALA A 61 8.23 13.33 -8.93
C ALA A 61 7.20 14.36 -8.67
N TRP A 62 5.97 13.96 -8.30
CA TRP A 62 4.90 14.92 -8.02
C TRP A 62 5.32 15.85 -6.86
N ARG A 63 5.99 15.33 -5.86
CA ARG A 63 6.42 16.17 -4.72
C ARG A 63 7.45 17.19 -5.18
N VAL A 64 8.37 16.79 -6.04
CA VAL A 64 9.39 17.75 -6.54
C VAL A 64 8.67 18.84 -7.32
N LEU A 65 7.77 18.49 -8.23
CA LEU A 65 7.12 19.46 -9.06
C LEU A 65 6.15 20.34 -8.25
N SER A 66 5.41 19.74 -7.31
N SER A 66 5.48 19.76 -7.26
CA SER A 66 4.50 20.56 -6.49
CA SER A 66 4.61 20.55 -6.40
C SER A 66 5.31 21.57 -5.68
C SER A 66 5.42 21.57 -5.61
N SER A 67 6.50 21.23 -5.21
N SER A 67 6.62 21.22 -5.15
CA SER A 67 7.31 22.17 -4.42
CA SER A 67 7.42 22.16 -4.39
C SER A 67 7.77 23.33 -5.30
C SER A 67 7.87 23.31 -5.27
N ILE A 68 8.16 23.05 -6.56
CA ILE A 68 8.62 24.10 -7.48
C ILE A 68 7.43 24.96 -7.78
N GLU A 69 6.26 24.41 -7.93
CA GLU A 69 5.07 25.18 -8.29
C GLU A 69 4.70 26.07 -7.08
N GLN A 70 4.81 25.50 -5.88
CA GLN A 70 4.75 26.18 -4.55
C GLN A 70 3.50 25.93 -3.80
N GLY A 81 5.17 31.50 -16.54
CA GLY A 81 4.18 30.81 -17.45
C GLY A 81 3.48 29.56 -16.90
N PRO A 82 2.74 28.89 -17.77
CA PRO A 82 1.86 27.77 -17.32
C PRO A 82 2.66 26.42 -17.17
N GLU A 83 3.92 26.39 -17.52
CA GLU A 83 4.63 25.11 -17.72
C GLU A 83 4.80 24.32 -16.45
N VAL A 84 5.12 24.91 -15.31
N VAL A 84 5.17 24.89 -15.29
CA VAL A 84 5.28 24.10 -14.11
CA VAL A 84 5.32 24.08 -14.08
C VAL A 84 3.94 23.44 -13.75
C VAL A 84 3.97 23.46 -13.70
N ARG A 85 2.87 24.21 -13.78
CA ARG A 85 1.52 23.62 -13.48
C ARG A 85 1.14 22.58 -14.51
N GLU A 86 1.38 22.81 -15.81
CA GLU A 86 1.06 21.81 -16.79
C GLU A 86 1.82 20.50 -16.55
N TYR A 87 3.09 20.58 -16.23
CA TYR A 87 3.86 19.36 -16.09
C TYR A 87 3.52 18.69 -14.77
N ARG A 88 3.29 19.46 -13.68
CA ARG A 88 2.80 18.81 -12.45
C ARG A 88 1.47 18.12 -12.70
N GLU A 89 0.59 18.75 -13.45
N GLU A 89 0.60 18.74 -13.45
CA GLU A 89 -0.69 18.12 -13.85
CA GLU A 89 -0.67 18.10 -13.86
C GLU A 89 -0.51 16.86 -14.67
C GLU A 89 -0.50 16.85 -14.66
N LYS A 90 0.48 16.87 -15.55
N LYS A 90 0.47 16.85 -15.54
CA LYS A 90 0.79 15.70 -16.36
CA LYS A 90 0.72 15.65 -16.36
C LYS A 90 1.17 14.51 -15.48
C LYS A 90 1.14 14.48 -15.43
N VAL A 91 2.08 14.74 -14.54
CA VAL A 91 2.53 13.67 -13.63
C VAL A 91 1.42 13.28 -12.69
N GLU A 92 0.66 14.22 -12.20
CA GLU A 92 -0.48 13.93 -11.33
C GLU A 92 -1.49 13.07 -12.03
N THR A 93 -1.80 13.34 -13.30
CA THR A 93 -2.80 12.57 -14.02
C THR A 93 -2.28 11.12 -14.18
N GLU A 94 -1.01 10.97 -14.48
CA GLU A 94 -0.47 9.63 -14.66
C GLU A 94 -0.47 8.86 -13.34
N LEU A 95 -0.13 9.54 -12.23
CA LEU A 95 -0.27 8.91 -10.92
C LEU A 95 -1.72 8.50 -10.65
N GLN A 96 -2.70 9.34 -10.88
CA GLN A 96 -4.10 9.02 -10.63
C GLN A 96 -4.48 7.84 -11.51
N GLY A 97 -3.96 7.76 -12.74
CA GLY A 97 -4.28 6.61 -13.57
C GLY A 97 -3.71 5.29 -13.02
N VAL A 98 -2.53 5.30 -12.45
CA VAL A 98 -1.98 4.08 -11.90
C VAL A 98 -2.84 3.68 -10.64
N CYS A 99 -3.24 4.65 -9.83
CA CYS A 99 -4.03 4.31 -8.68
C CYS A 99 -5.36 3.80 -9.09
N ASP A 100 -5.98 4.38 -10.11
CA ASP A 100 -7.26 3.88 -10.66
C ASP A 100 -7.12 2.48 -11.21
N THR A 101 -5.98 2.20 -11.83
CA THR A 101 -5.80 0.83 -12.38
C THR A 101 -5.73 -0.18 -11.21
N VAL A 102 -4.99 0.13 -10.18
CA VAL A 102 -4.88 -0.80 -9.05
C VAL A 102 -6.25 -0.94 -8.40
N LEU A 103 -6.93 0.17 -8.13
CA LEU A 103 -8.25 0.06 -7.54
C LEU A 103 -9.20 -0.72 -8.38
N GLY A 104 -9.05 -0.59 -9.68
CA GLY A 104 -9.88 -1.39 -10.55
C GLY A 104 -9.61 -2.88 -10.51
N LEU A 105 -8.35 -3.31 -10.36
CA LEU A 105 -8.06 -4.71 -10.18
C LEU A 105 -8.66 -5.18 -8.88
N LEU A 106 -8.54 -4.39 -7.81
CA LEU A 106 -9.08 -4.82 -6.52
C LEU A 106 -10.59 -4.95 -6.62
N ASP A 107 -11.28 -4.07 -7.34
CA ASP A 107 -12.72 -4.11 -7.41
C ASP A 107 -13.18 -5.12 -8.44
N SER A 108 -12.35 -5.60 -9.35
CA SER A 108 -12.79 -6.52 -10.45
C SER A 108 -11.67 -7.53 -10.65
N HIS A 109 -11.53 -8.57 -9.82
CA HIS A 109 -12.47 -8.94 -8.77
C HIS A 109 -11.76 -9.44 -7.57
N LEU A 110 -10.57 -8.89 -7.30
CA LEU A 110 -9.74 -9.52 -6.28
C LEU A 110 -10.37 -9.52 -4.90
N ILE A 111 -10.97 -8.41 -4.46
CA ILE A 111 -11.51 -8.36 -3.10
C ILE A 111 -12.70 -9.29 -2.93
N LYS A 112 -13.60 -9.32 -3.89
CA LYS A 112 -14.81 -10.10 -3.71
C LYS A 112 -14.50 -11.59 -3.66
N GLU A 113 -13.40 -12.03 -4.29
N GLU A 113 -13.37 -12.03 -4.24
CA GLU A 113 -13.07 -13.45 -4.28
CA GLU A 113 -13.05 -13.45 -4.26
C GLU A 113 -12.17 -13.82 -3.11
C GLU A 113 -12.16 -13.83 -3.09
N ALA A 114 -11.74 -12.81 -2.36
CA ALA A 114 -10.78 -13.11 -1.28
C ALA A 114 -11.53 -13.44 0.06
N GLY A 115 -11.48 -14.65 0.43
CA GLY A 115 -12.21 -15.15 1.67
C GLY A 115 -11.27 -15.42 2.82
N ASP A 116 -9.99 -15.70 2.62
CA ASP A 116 -9.15 -15.95 3.75
C ASP A 116 -8.74 -14.64 4.25
N ALA A 117 -8.47 -14.60 5.52
CA ALA A 117 -8.09 -13.32 6.11
C ALA A 117 -6.81 -12.74 5.56
N GLU A 118 -5.80 -13.57 5.29
N GLU A 118 -5.78 -13.57 5.29
CA GLU A 118 -4.57 -13.10 4.74
CA GLU A 118 -4.53 -13.04 4.76
C GLU A 118 -4.78 -12.39 3.42
C GLU A 118 -4.79 -12.36 3.41
N SER A 119 -5.58 -12.94 2.52
CA SER A 119 -5.81 -12.31 1.23
C SER A 119 -6.69 -11.08 1.39
N ARG A 120 -7.81 -11.20 2.13
CA ARG A 120 -8.73 -10.11 2.23
C ARG A 120 -8.15 -8.90 2.92
N VAL A 121 -7.42 -9.09 4.01
CA VAL A 121 -6.75 -7.95 4.66
C VAL A 121 -5.69 -7.37 3.71
N PHE A 122 -4.91 -8.19 3.01
CA PHE A 122 -3.90 -7.64 2.11
C PHE A 122 -4.58 -6.72 1.06
N TYR A 123 -5.67 -7.14 0.43
CA TYR A 123 -6.28 -6.37 -0.60
C TYR A 123 -6.97 -5.15 -0.07
N LEU A 124 -7.61 -5.22 1.11
CA LEU A 124 -8.25 -4.05 1.65
C LEU A 124 -7.20 -3.03 2.07
N LYS A 125 -6.06 -3.46 2.65
CA LYS A 125 -4.95 -2.55 2.91
C LYS A 125 -4.48 -1.88 1.64
N MET A 126 -4.29 -2.66 0.58
N MET A 126 -4.37 -2.63 0.54
CA MET A 126 -3.84 -2.06 -0.66
CA MET A 126 -3.96 -2.01 -0.75
C MET A 126 -4.92 -1.01 -1.13
C MET A 126 -4.98 -1.00 -1.19
N LYS A 127 -6.25 -1.30 -1.01
CA LYS A 127 -7.30 -0.34 -1.37
C LYS A 127 -7.13 0.94 -0.59
N GLY A 128 -6.93 0.84 0.70
CA GLY A 128 -6.61 1.99 1.55
C GLY A 128 -5.39 2.76 1.07
N ASP A 129 -4.32 2.05 0.77
CA ASP A 129 -3.10 2.68 0.30
C ASP A 129 -3.29 3.47 -0.97
N TYR A 130 -3.99 2.90 -1.94
CA TYR A 130 -4.03 3.62 -3.22
C TYR A 130 -5.10 4.73 -3.16
N TYR A 131 -6.13 4.65 -2.31
CA TYR A 131 -6.93 5.82 -2.06
C TYR A 131 -6.11 6.86 -1.32
N ARG A 132 -5.23 6.44 -0.39
CA ARG A 132 -4.36 7.40 0.27
C ARG A 132 -3.44 8.15 -0.74
N TYR A 133 -2.91 7.43 -1.73
CA TYR A 133 -2.06 8.11 -2.69
C TYR A 133 -2.91 9.04 -3.50
N LEU A 134 -4.14 8.69 -3.86
CA LEU A 134 -5.04 9.66 -4.51
C LEU A 134 -5.24 10.88 -3.57
N ALA A 135 -5.38 10.67 -2.28
CA ALA A 135 -5.66 11.79 -1.37
C ALA A 135 -4.47 12.71 -1.30
N GLU A 136 -3.24 12.20 -1.40
CA GLU A 136 -2.06 13.03 -1.31
C GLU A 136 -2.03 14.16 -2.36
N VAL A 137 -2.73 13.95 -3.50
CA VAL A 137 -2.77 14.91 -4.61
C VAL A 137 -4.08 15.59 -4.79
N ALA A 138 -5.08 15.20 -4.00
CA ALA A 138 -6.41 15.71 -4.17
C ALA A 138 -6.64 17.06 -3.57
N THR A 139 -7.50 17.85 -4.26
CA THR A 139 -7.69 19.31 -3.89
C THR A 139 -9.11 19.82 -4.21
N LYS A 143 -11.83 15.46 -2.50
CA LYS A 143 -10.82 15.14 -1.49
C LYS A 143 -11.44 14.46 -0.30
N LYS A 144 -12.52 15.04 0.26
CA LYS A 144 -13.21 14.39 1.38
C LYS A 144 -13.62 13.04 1.08
N ARG A 145 -14.19 12.78 -0.10
CA ARG A 145 -14.77 11.46 -0.43
C ARG A 145 -13.56 10.50 -0.60
N ILE A 146 -12.46 10.96 -1.16
CA ILE A 146 -11.32 10.04 -1.38
C ILE A 146 -10.76 9.66 0.01
N ILE A 147 -10.62 10.59 0.98
CA ILE A 147 -10.15 10.33 2.29
C ILE A 147 -11.11 9.34 2.97
N ASP A 148 -12.44 9.51 2.79
CA ASP A 148 -13.34 8.57 3.36
C ASP A 148 -13.19 7.18 2.82
N SER A 149 -12.95 7.08 1.53
CA SER A 149 -12.77 5.75 0.89
C SER A 149 -11.49 5.11 1.46
N ALA A 150 -10.40 5.85 1.64
CA ALA A 150 -9.22 5.21 2.25
C ALA A 150 -9.56 4.76 3.64
N ARG A 151 -10.19 5.64 4.42
N ARG A 151 -10.19 5.64 4.42
CA ARG A 151 -10.49 5.29 5.80
CA ARG A 151 -10.49 5.29 5.80
C ARG A 151 -11.34 4.02 5.89
C ARG A 151 -11.34 4.02 5.89
N SER A 152 -12.37 3.95 5.07
CA SER A 152 -13.28 2.83 5.11
C SER A 152 -12.57 1.53 4.76
N ALA A 153 -11.67 1.54 3.76
CA ALA A 153 -10.95 0.33 3.41
C ALA A 153 -9.99 -0.10 4.54
N TYR A 154 -9.21 0.86 5.06
CA TYR A 154 -8.34 0.54 6.19
C TYR A 154 -9.14 0.03 7.40
N GLN A 155 -10.33 0.61 7.65
CA GLN A 155 -11.07 0.16 8.87
C GLN A 155 -11.58 -1.22 8.69
N GLU A 156 -12.07 -1.56 7.47
CA GLU A 156 -12.55 -2.95 7.25
C GLU A 156 -11.35 -3.89 7.45
N ALA A 157 -10.20 -3.57 6.90
CA ALA A 157 -9.03 -4.44 7.02
C ALA A 157 -8.64 -4.56 8.49
N MET A 158 -8.70 -3.47 9.27
N MET A 158 -8.70 -3.47 9.27
CA MET A 158 -8.32 -3.51 10.69
CA MET A 158 -8.31 -3.52 10.67
C MET A 158 -9.26 -4.46 11.42
C MET A 158 -9.25 -4.45 11.42
N ASP A 159 -10.56 -4.35 11.12
CA ASP A 159 -11.54 -5.13 11.87
C ASP A 159 -11.25 -6.62 11.65
N ILE A 160 -11.00 -7.01 10.42
CA ILE A 160 -10.74 -8.43 10.10
C ILE A 160 -9.42 -8.82 10.75
N SER A 161 -8.37 -8.02 10.64
CA SER A 161 -7.09 -8.40 11.15
C SER A 161 -7.09 -8.58 12.64
N LYS A 162 -7.85 -7.79 13.36
CA LYS A 162 -7.92 -7.96 14.83
C LYS A 162 -8.62 -9.20 15.21
N LYS A 163 -9.61 -9.64 14.46
CA LYS A 163 -10.34 -10.87 14.77
C LYS A 163 -9.60 -12.11 14.32
N GLU A 164 -8.86 -12.06 13.21
CA GLU A 164 -8.38 -13.25 12.54
C GLU A 164 -6.90 -13.47 12.59
N MET A 165 -6.07 -12.50 12.95
CA MET A 165 -4.62 -12.67 12.88
C MET A 165 -4.02 -12.32 14.19
N PRO A 166 -2.86 -12.93 14.55
CA PRO A 166 -2.16 -12.49 15.79
C PRO A 166 -1.58 -11.11 15.62
N PRO A 167 -1.28 -10.47 16.75
CA PRO A 167 -0.81 -9.09 16.70
C PRO A 167 0.56 -8.93 16.07
N THR A 168 1.32 -10.04 15.88
CA THR A 168 2.63 -9.96 15.23
C THR A 168 2.52 -10.24 13.76
N ASN A 169 1.34 -10.58 13.24
CA ASN A 169 1.29 -10.96 11.79
C ASN A 169 1.79 -9.81 10.91
N PRO A 170 2.72 -10.02 9.97
CA PRO A 170 3.31 -8.91 9.28
C PRO A 170 2.29 -8.10 8.45
N ILE A 171 1.27 -8.75 7.90
CA ILE A 171 0.24 -7.99 7.13
C ILE A 171 -0.54 -7.10 8.10
N ARG A 172 -0.92 -7.61 9.26
CA ARG A 172 -1.58 -6.80 10.29
C ARG A 172 -0.70 -5.64 10.73
N LEU A 173 0.59 -5.87 10.92
CA LEU A 173 1.45 -4.81 11.32
C LEU A 173 1.63 -3.77 10.23
N GLY A 174 1.80 -4.18 8.98
CA GLY A 174 1.98 -3.19 7.93
C GLY A 174 0.68 -2.41 7.69
N LEU A 175 -0.46 -3.05 7.86
CA LEU A 175 -1.76 -2.32 7.76
C LEU A 175 -1.78 -1.26 8.88
N ALA A 176 -1.49 -1.62 10.14
CA ALA A 176 -1.60 -0.64 11.19
C ALA A 176 -0.61 0.48 10.99
N LEU A 177 0.59 0.19 10.52
CA LEU A 177 1.59 1.23 10.19
C LEU A 177 0.99 2.19 9.17
N ASN A 178 0.43 1.65 8.07
CA ASN A 178 -0.07 2.54 7.01
C ASN A 178 -1.32 3.30 7.43
N PHE A 179 -2.18 2.69 8.25
CA PHE A 179 -3.34 3.41 8.73
C PHE A 179 -2.87 4.52 9.68
N SER A 180 -1.80 4.30 10.42
N SER A 180 -1.79 4.30 10.44
CA SER A 180 -1.31 5.38 11.27
CA SER A 180 -1.40 5.39 11.32
CA SER A 180 -1.24 5.36 11.31
C SER A 180 -0.78 6.51 10.44
C SER A 180 -0.73 6.51 10.48
N VAL A 181 -0.03 6.23 9.38
CA VAL A 181 0.44 7.32 8.45
C VAL A 181 -0.78 8.02 7.83
N PHE A 182 -1.81 7.33 7.43
CA PHE A 182 -3.04 7.94 6.96
C PHE A 182 -3.54 8.90 8.03
N HIS A 183 -3.66 8.47 9.30
CA HIS A 183 -4.19 9.39 10.27
C HIS A 183 -3.28 10.62 10.44
N TYR A 184 -1.96 10.48 10.42
CA TYR A 184 -1.11 11.60 10.74
C TYR A 184 -1.05 12.56 9.54
N GLU A 185 -0.88 12.05 8.33
CA GLU A 185 -0.53 12.87 7.16
C GLU A 185 -1.78 13.24 6.43
N ILE A 186 -2.81 12.40 6.39
CA ILE A 186 -3.95 12.68 5.51
C ILE A 186 -5.13 13.19 6.26
N ALA A 187 -5.51 12.54 7.36
CA ALA A 187 -6.72 12.85 8.08
C ALA A 187 -6.46 13.90 9.17
N ASN A 188 -5.29 14.45 9.31
CA ASN A 188 -5.04 15.51 10.31
C ASN A 188 -5.43 15.00 11.71
N SER A 189 -5.06 13.76 12.04
CA SER A 189 -5.38 13.17 13.32
C SER A 189 -4.12 12.65 13.95
N PRO A 190 -3.17 13.49 14.28
CA PRO A 190 -1.90 12.97 14.79
C PRO A 190 -2.06 12.19 16.11
N GLU A 191 -2.98 12.55 16.97
CA GLU A 191 -3.16 11.75 18.21
C GLU A 191 -3.68 10.36 17.90
N GLU A 192 -4.54 10.15 16.88
CA GLU A 192 -5.01 8.85 16.53
C GLU A 192 -3.87 8.05 15.93
N ALA A 193 -3.03 8.72 15.18
CA ALA A 193 -1.82 8.06 14.61
C ALA A 193 -0.92 7.56 15.70
N ILE A 194 -0.66 8.40 16.66
CA ILE A 194 0.29 8.04 17.72
C ILE A 194 -0.33 6.91 18.57
N SER A 195 -1.61 6.97 18.87
N SER A 195 -1.58 6.99 18.92
CA SER A 195 -2.27 5.92 19.69
CA SER A 195 -2.20 5.92 19.71
C SER A 195 -2.23 4.59 18.96
C SER A 195 -2.19 4.61 18.97
N LEU A 196 -2.54 4.60 17.66
CA LEU A 196 -2.58 3.33 16.91
C LEU A 196 -1.18 2.79 16.83
N ALA A 197 -0.20 3.57 16.51
CA ALA A 197 1.15 3.01 16.38
C ALA A 197 1.65 2.46 17.74
N LYS A 198 1.38 3.15 18.83
N LYS A 198 1.42 3.16 18.83
CA LYS A 198 1.79 2.67 20.19
CA LYS A 198 1.85 2.66 20.18
C LYS A 198 1.11 1.38 20.56
C LYS A 198 1.12 1.38 20.59
N THR A 199 -0.20 1.33 20.42
CA THR A 199 -0.98 0.14 20.80
C THR A 199 -0.50 -1.02 19.93
N THR A 200 -0.31 -0.79 18.64
CA THR A 200 0.10 -1.90 17.75
C THR A 200 1.48 -2.39 18.13
N PHE A 201 2.42 -1.50 18.44
CA PHE A 201 3.76 -1.91 18.81
C PHE A 201 3.67 -2.73 20.10
N ASP A 202 2.94 -2.25 21.10
CA ASP A 202 2.92 -2.90 22.41
C ASP A 202 2.23 -4.24 22.28
N GLU A 203 1.21 -4.43 21.52
CA GLU A 203 0.56 -5.70 21.46
C GLU A 203 1.44 -6.67 20.69
N ALA A 204 2.20 -6.21 19.73
CA ALA A 204 3.10 -7.11 19.04
C ALA A 204 4.26 -7.50 19.95
N MET A 205 4.80 -6.54 20.71
N MET A 205 4.80 -6.54 20.71
CA MET A 205 5.92 -6.90 21.58
CA MET A 205 5.91 -6.90 21.63
C MET A 205 5.50 -8.06 22.51
C MET A 205 5.49 -8.09 22.50
N ALA A 206 4.29 -8.00 23.04
CA ALA A 206 3.83 -9.04 23.96
C ALA A 206 3.56 -10.38 23.35
N ASP A 207 3.54 -10.45 22.04
CA ASP A 207 3.30 -11.73 21.37
C ASP A 207 4.56 -12.26 20.67
N LEU A 208 5.67 -11.56 20.73
CA LEU A 208 6.89 -12.03 20.07
C LEU A 208 7.35 -13.38 20.63
N HIS A 209 7.10 -13.65 21.90
CA HIS A 209 7.60 -14.91 22.51
C HIS A 209 7.06 -16.14 21.84
N THR A 210 6.02 -15.97 21.04
CA THR A 210 5.31 -17.12 20.38
C THR A 210 6.04 -17.49 19.07
N LEU A 211 6.93 -16.66 18.56
CA LEU A 211 7.46 -16.74 17.21
C LEU A 211 8.75 -17.49 17.10
N SER A 212 8.95 -18.12 15.92
CA SER A 212 10.25 -18.63 15.52
C SER A 212 11.24 -17.50 15.28
N GLU A 213 12.50 -17.83 15.14
CA GLU A 213 13.52 -16.83 14.89
C GLU A 213 13.17 -16.07 13.56
N ASP A 214 12.77 -16.77 12.51
CA ASP A 214 12.53 -16.11 11.26
C ASP A 214 11.26 -15.23 11.34
N SER A 215 10.22 -15.71 11.99
CA SER A 215 9.04 -14.86 12.15
C SER A 215 9.34 -13.67 13.04
N TYR A 216 10.14 -13.87 14.09
CA TYR A 216 10.57 -12.75 14.94
C TYR A 216 11.25 -11.72 14.10
N LYS A 217 12.13 -12.07 13.17
CA LYS A 217 12.81 -11.07 12.39
C LYS A 217 11.84 -10.33 11.48
N ASP A 218 10.89 -11.07 10.92
CA ASP A 218 9.87 -10.43 10.02
C ASP A 218 9.04 -9.40 10.82
N SER A 219 8.52 -9.79 11.98
CA SER A 219 7.68 -8.86 12.72
C SER A 219 8.49 -7.70 13.34
N THR A 220 9.70 -7.92 13.89
CA THR A 220 10.40 -6.80 14.48
C THR A 220 10.87 -5.81 13.43
N LEU A 221 11.06 -6.22 12.17
CA LEU A 221 11.44 -5.21 11.19
C LEU A 221 10.31 -4.18 10.98
N ILE A 222 9.07 -4.63 10.98
CA ILE A 222 7.95 -3.68 10.78
C ILE A 222 7.69 -2.94 12.05
N MET A 223 7.88 -3.60 13.22
CA MET A 223 7.77 -2.83 14.44
C MET A 223 8.76 -1.70 14.56
N GLN A 224 9.93 -1.83 13.97
CA GLN A 224 10.84 -0.75 14.01
C GLN A 224 10.34 0.46 13.21
N LEU A 225 9.59 0.25 12.12
CA LEU A 225 9.01 1.35 11.43
C LEU A 225 7.98 2.05 12.28
N LEU A 226 7.13 1.31 13.02
CA LEU A 226 6.21 1.96 13.90
C LEU A 226 6.98 2.83 14.90
N ARG A 227 8.07 2.28 15.45
CA ARG A 227 8.88 3.03 16.43
C ARG A 227 9.52 4.24 15.73
N ASP A 228 9.97 4.12 14.51
CA ASP A 228 10.60 5.27 13.81
C ASP A 228 9.58 6.38 13.67
N ASN A 229 8.32 6.06 13.35
CA ASN A 229 7.34 7.11 13.29
C ASN A 229 6.98 7.66 14.64
N LEU A 230 6.84 6.81 15.65
CA LEU A 230 6.57 7.38 16.96
C LEU A 230 7.68 8.36 17.39
N THR A 231 8.95 8.07 17.03
CA THR A 231 10.10 8.97 17.40
C THR A 231 9.95 10.32 16.60
N LEU A 232 9.53 10.23 15.32
CA LEU A 232 9.26 11.49 14.57
C LEU A 232 8.07 12.28 15.17
N TRP A 233 7.03 11.59 15.71
CA TRP A 233 5.75 12.22 16.08
C TRP A 233 5.64 12.71 17.54
N THR A 234 6.58 12.26 18.38
CA THR A 234 6.52 12.59 19.82
C THR A 234 7.86 13.19 20.22
N PHE B 3 8.04 11.57 4.22
CA PHE B 3 7.98 12.22 5.59
C PHE B 3 8.01 11.14 6.70
N TYR B 4 7.13 10.13 6.54
CA TYR B 4 6.81 9.17 7.59
C TYR B 4 6.80 7.85 6.88
N PRO B 5 7.74 6.98 7.20
CA PRO B 5 7.92 5.70 6.48
C PRO B 5 6.63 4.88 6.55
N SEP B 6 6.27 4.31 5.41
CA SEP B 6 5.15 3.38 5.41
CB SEP B 6 4.10 3.88 4.40
OG SEP B 6 4.77 3.94 3.11
C SEP B 6 5.65 1.96 5.18
O SEP B 6 6.83 1.75 5.03
P SEP B 6 3.88 4.51 1.85
O1P SEP B 6 4.92 4.45 0.72
O2P SEP B 6 3.49 5.93 2.19
O3P SEP B 6 2.70 3.55 1.65
N ALA B 7 4.73 1.02 5.08
CA ALA B 7 5.10 -0.37 5.02
C ALA B 7 5.89 -0.67 3.77
N GLU B 8 6.81 -1.61 3.89
CA GLU B 8 7.48 -2.10 2.70
C GLU B 8 6.49 -3.01 2.01
MG MG C . -11.73 -17.24 -2.63
#